data_6BUX
#
_entry.id   6BUX
#
_cell.length_a   47.413
_cell.length_b   47.237
_cell.length_c   51.462
_cell.angle_alpha   90.00
_cell.angle_beta   103.13
_cell.angle_gamma   90.00
#
_symmetry.space_group_name_H-M   'P 1 21 1'
#
loop_
_entity.id
_entity.type
_entity.pdbx_description
1 polymer 'Apolipoprotein B mRNA editing enzyme catalytic subunit 3G catalytic domain'
2 polymer "DNA (5'-D(*AP*AP*TP*CP*CP*CP*AP*AP*A)-3')"
3 non-polymer 'ZINC ION'
4 non-polymer GLYCEROL
5 water water
#
loop_
_entity_poly.entity_id
_entity_poly.type
_entity_poly.pdbx_seq_one_letter_code
_entity_poly.pdbx_strand_id
1 'polypeptide(L)'
;GPLGSEILRHSMDPATFTFNFNNEPWVRGRHETYLCYEVERMHNDTWVKLAQRRGFLANQAKHKHGFLEGRHAALCFLDV
IPFWKLDLDQDYRVTCFTSWSPCFSCAQEMAKFISKNKHVSLCIKTARIYDDKGRAAEGLRTLAEAGAKISIMTYSEFKH
CWDTFVDHQGAPFQPWDGLDEHSQDLSGRLRAILQNQEN
;
A
2 'polydeoxyribonucleotide' (DA)(DA)(DT)(DC)(DC)(DC)(DA)(DA)(DA) B
#
loop_
_chem_comp.id
_chem_comp.type
_chem_comp.name
_chem_comp.formula
DA DNA linking 2'-DEOXYADENOSINE-5'-MONOPHOSPHATE 'C10 H14 N5 O6 P'
DC DNA linking 2'-DEOXYCYTIDINE-5'-MONOPHOSPHATE 'C9 H14 N3 O7 P'
DT DNA linking THYMIDINE-5'-MONOPHOSPHATE 'C10 H15 N2 O8 P'
GOL non-polymer GLYCEROL 'C3 H8 O3'
ZN non-polymer 'ZINC ION' 'Zn 2'
#
# COMPACT_ATOMS: atom_id res chain seq x y z
N ARG A 9 7.31 -16.97 -1.15
CA ARG A 9 8.17 -17.13 0.03
C ARG A 9 7.58 -16.41 1.24
N HIS A 10 8.04 -16.79 2.43
CA HIS A 10 7.39 -16.28 3.64
C HIS A 10 7.71 -14.81 3.88
N SER A 11 8.92 -14.38 3.54
CA SER A 11 9.41 -13.03 3.78
C SER A 11 9.97 -12.46 2.48
N MET A 12 9.95 -11.13 2.35
CA MET A 12 10.40 -10.48 1.13
C MET A 12 11.93 -10.44 1.04
N ASP A 13 12.44 -10.59 -0.18
CA ASP A 13 13.88 -10.47 -0.39
C ASP A 13 14.36 -9.07 -0.01
N PRO A 14 15.41 -8.93 0.80
CA PRO A 14 15.79 -7.57 1.26
C PRO A 14 16.19 -6.63 0.13
N ALA A 15 16.92 -7.12 -0.86
CA ALA A 15 17.28 -6.25 -1.98
C ALA A 15 16.05 -5.81 -2.74
N THR A 16 15.07 -6.69 -2.89
CA THR A 16 13.80 -6.31 -3.52
C THR A 16 13.09 -5.23 -2.72
N PHE A 17 13.07 -5.36 -1.40
CA PHE A 17 12.44 -4.35 -0.57
C PHE A 17 13.13 -3.00 -0.75
N THR A 18 14.45 -3.01 -0.59
CA THR A 18 15.20 -1.75 -0.62
C THR A 18 15.04 -1.06 -1.96
N PHE A 19 15.06 -1.82 -3.05
CA PHE A 19 14.92 -1.22 -4.36
C PHE A 19 13.53 -0.64 -4.52
N ASN A 20 12.51 -1.42 -4.18
CA ASN A 20 11.14 -1.05 -4.50
C ASN A 20 10.56 -0.01 -3.56
N PHE A 21 11.01 0.05 -2.30
CA PHE A 21 10.41 1.02 -1.39
C PHE A 21 11.23 2.30 -1.25
N ASN A 22 12.31 2.44 -2.01
CA ASN A 22 13.01 3.71 -2.04
C ASN A 22 12.04 4.83 -2.40
N ASN A 23 12.05 5.92 -1.62
CA ASN A 23 11.01 6.93 -1.80
C ASN A 23 11.53 8.23 -2.43
N GLU A 24 12.65 8.18 -3.14
CA GLU A 24 13.02 9.32 -3.99
C GLU A 24 11.87 9.60 -4.96
N PRO A 25 11.27 10.79 -4.93
CA PRO A 25 9.96 10.96 -5.59
C PRO A 25 9.97 10.70 -7.08
N TRP A 26 11.03 11.13 -7.76
CA TRP A 26 11.12 11.06 -9.22
C TRP A 26 12.17 10.05 -9.67
N VAL A 27 12.43 9.02 -8.86
CA VAL A 27 13.43 8.03 -9.21
C VAL A 27 12.93 7.15 -10.36
N ARG A 28 13.84 6.68 -11.19
CA ARG A 28 13.52 5.82 -12.30
C ARG A 28 13.70 4.33 -12.00
N GLY A 29 13.12 3.47 -12.82
CA GLY A 29 13.42 2.05 -12.78
C GLY A 29 12.45 1.16 -12.01
N ARG A 30 11.44 1.71 -11.35
CA ARG A 30 10.56 0.91 -10.51
C ARG A 30 9.35 0.52 -11.33
N HIS A 31 9.49 -0.57 -12.10
CA HIS A 31 8.43 -1.04 -13.00
C HIS A 31 7.75 -2.30 -12.47
N GLU A 32 7.87 -2.54 -11.16
CA GLU A 32 7.00 -3.45 -10.45
C GLU A 32 6.35 -2.68 -9.30
N THR A 33 5.37 -3.33 -8.67
CA THR A 33 4.74 -2.80 -7.47
C THR A 33 4.69 -3.91 -6.43
N TYR A 34 5.12 -3.59 -5.21
CA TYR A 34 4.96 -4.48 -4.07
C TYR A 34 3.99 -3.90 -3.07
N LEU A 35 3.30 -4.79 -2.37
CA LEU A 35 2.26 -4.43 -1.42
C LEU A 35 2.37 -5.34 -0.21
N CYS A 36 2.61 -4.76 0.97
CA CYS A 36 2.55 -5.47 2.24
C CYS A 36 1.23 -5.13 2.92
N TYR A 37 0.64 -6.12 3.58
CA TYR A 37 -0.68 -5.88 4.19
C TYR A 37 -0.79 -6.55 5.53
N GLU A 38 -1.58 -5.93 6.41
CA GLU A 38 -1.88 -6.47 7.72
C GLU A 38 -3.31 -6.10 8.07
N VAL A 39 -3.92 -6.92 8.92
CA VAL A 39 -5.33 -6.77 9.27
C VAL A 39 -5.47 -6.70 10.78
N GLU A 40 -6.33 -5.80 11.24
CA GLU A 40 -6.69 -5.70 12.65
C GLU A 40 -8.20 -5.84 12.77
N ARG A 41 -8.63 -6.35 13.91
CA ARG A 41 -10.05 -6.39 14.26
C ARG A 41 -10.29 -5.54 15.49
N MET A 42 -11.40 -4.81 15.48
CA MET A 42 -11.80 -4.06 16.66
C MET A 42 -12.38 -5.02 17.70
N HIS A 43 -11.79 -5.03 18.88
CA HIS A 43 -12.20 -5.94 19.93
C HIS A 43 -11.86 -5.32 21.28
N ASN A 44 -12.87 -5.21 22.15
CA ASN A 44 -12.74 -4.48 23.41
C ASN A 44 -12.25 -3.06 23.16
N ASP A 45 -12.86 -2.41 22.16
CA ASP A 45 -12.64 -1.00 21.82
C ASP A 45 -11.19 -0.70 21.43
N THR A 46 -10.41 -1.72 21.08
CA THR A 46 -9.06 -1.52 20.57
C THR A 46 -8.82 -2.43 19.37
N TRP A 47 -7.94 -1.97 18.47
CA TRP A 47 -7.55 -2.78 17.32
C TRP A 47 -6.56 -3.84 17.77
N VAL A 48 -6.81 -5.09 17.39
CA VAL A 48 -5.95 -6.21 17.72
C VAL A 48 -5.47 -6.85 16.42
N LYS A 49 -4.17 -7.10 16.34
CA LYS A 49 -3.57 -7.60 15.10
C LYS A 49 -3.92 -9.06 14.90
N LEU A 50 -4.35 -9.40 13.68
CA LEU A 50 -4.63 -10.79 13.30
C LEU A 50 -3.36 -11.36 12.71
N ALA A 51 -2.67 -12.21 13.49
CA ALA A 51 -1.32 -12.65 13.14
C ALA A 51 -1.29 -13.37 11.78
N GLN A 52 -2.32 -14.14 11.45
CA GLN A 52 -2.27 -14.92 10.22
C GLN A 52 -2.88 -14.18 9.02
N ARG A 53 -3.38 -12.97 9.22
CA ARG A 53 -3.93 -12.17 8.13
C ARG A 53 -2.95 -11.05 7.75
N ARG A 54 -1.75 -11.46 7.35
CA ARG A 54 -0.74 -10.50 6.91
C ARG A 54 0.15 -11.19 5.88
N GLY A 55 0.80 -10.37 5.07
CA GLY A 55 1.64 -10.93 4.04
C GLY A 55 2.06 -9.84 3.06
N PHE A 56 2.62 -10.29 1.94
CA PHE A 56 3.03 -9.36 0.91
C PHE A 56 2.81 -10.00 -0.45
N LEU A 57 2.72 -9.16 -1.46
CA LEU A 57 2.60 -9.64 -2.83
C LEU A 57 3.14 -8.58 -3.78
N ALA A 58 3.28 -8.97 -5.04
CA ALA A 58 3.65 -8.07 -6.11
C ALA A 58 2.58 -8.10 -7.17
N ASN A 59 2.69 -7.18 -8.12
CA ASN A 59 1.83 -7.21 -9.30
C ASN A 59 2.17 -8.42 -10.15
N GLN A 60 1.17 -8.88 -10.90
CA GLN A 60 1.39 -9.83 -11.98
C GLN A 60 1.83 -9.03 -13.20
N ALA A 61 3.08 -9.19 -13.61
CA ALA A 61 3.62 -8.35 -14.66
C ALA A 61 2.91 -8.64 -15.98
N LYS A 62 2.76 -7.60 -16.79
CA LYS A 62 2.35 -7.81 -18.18
C LYS A 62 3.28 -8.83 -18.81
N HIS A 63 2.71 -9.71 -19.64
CA HIS A 63 3.41 -10.75 -20.39
C HIS A 63 3.89 -11.91 -19.52
N LYS A 64 3.47 -11.97 -18.26
CA LYS A 64 3.84 -13.11 -17.42
C LYS A 64 3.02 -14.34 -17.84
N HIS A 65 3.70 -15.46 -18.05
CA HIS A 65 3.02 -16.69 -18.44
C HIS A 65 1.95 -17.05 -17.44
N GLY A 66 0.74 -17.34 -17.93
CA GLY A 66 -0.43 -17.54 -17.09
C GLY A 66 -1.19 -16.27 -16.74
N PHE A 67 -0.68 -15.12 -17.08
CA PHE A 67 -1.33 -13.83 -16.82
C PHE A 67 -0.78 -12.80 -17.74
N LEU A 68 -0.84 -13.06 -19.02
CA LEU A 68 -0.18 -12.20 -20.01
C LEU A 68 -0.66 -10.76 -19.93
N GLU A 69 -1.91 -10.53 -19.51
CA GLU A 69 -2.46 -9.19 -19.40
C GLU A 69 -2.04 -8.48 -18.13
N GLY A 70 -1.42 -9.18 -17.19
CA GLY A 70 -0.99 -8.59 -15.94
C GLY A 70 -2.13 -8.36 -14.97
N ARG A 71 -1.76 -8.04 -13.73
CA ARG A 71 -2.75 -7.68 -12.73
C ARG A 71 -2.07 -6.82 -11.68
N HIS A 72 -2.56 -5.60 -11.49
CA HIS A 72 -1.89 -4.69 -10.57
C HIS A 72 -1.97 -5.23 -9.15
N ALA A 73 -1.00 -4.80 -8.33
CA ALA A 73 -0.89 -5.32 -6.97
C ALA A 73 -2.19 -5.10 -6.20
N ALA A 74 -2.77 -3.90 -6.29
CA ALA A 74 -3.97 -3.60 -5.52
C ALA A 74 -5.08 -4.58 -5.84
N LEU A 75 -5.23 -4.94 -7.12
CA LEU A 75 -6.24 -5.93 -7.50
C LEU A 75 -5.92 -7.30 -6.93
N CYS A 76 -4.68 -7.75 -7.11
CA CYS A 76 -4.23 -9.00 -6.48
C CYS A 76 -4.53 -9.01 -5.00
N PHE A 77 -4.45 -7.86 -4.34
CA PHE A 77 -4.74 -7.80 -2.92
C PHE A 77 -6.24 -7.96 -2.66
N LEU A 78 -7.07 -7.19 -3.37
CA LEU A 78 -8.51 -7.32 -3.18
C LEU A 78 -8.96 -8.76 -3.44
N ASP A 79 -8.19 -9.52 -4.24
CA ASP A 79 -8.52 -10.89 -4.58
C ASP A 79 -8.41 -11.83 -3.39
N VAL A 80 -7.52 -11.53 -2.43
CA VAL A 80 -7.34 -12.46 -1.31
C VAL A 80 -8.32 -12.21 -0.16
N ILE A 81 -8.97 -11.05 -0.12
CA ILE A 81 -9.80 -10.70 1.04
C ILE A 81 -10.94 -11.69 1.25
N PRO A 82 -11.70 -12.10 0.23
CA PRO A 82 -12.77 -13.08 0.49
C PRO A 82 -12.29 -14.35 1.16
N PHE A 83 -11.07 -14.80 0.86
CA PHE A 83 -10.57 -16.03 1.44
C PHE A 83 -10.22 -15.86 2.92
N TRP A 84 -10.07 -14.62 3.41
CA TRP A 84 -9.97 -14.42 4.84
C TRP A 84 -11.24 -14.81 5.57
N LYS A 85 -12.38 -14.78 4.87
CA LYS A 85 -13.69 -15.00 5.45
C LYS A 85 -13.86 -14.15 6.70
N LEU A 86 -13.77 -12.84 6.50
CA LEU A 86 -13.94 -11.89 7.58
C LEU A 86 -15.37 -11.93 8.09
N ASP A 87 -15.52 -11.94 9.40
CA ASP A 87 -16.84 -11.92 10.00
C ASP A 87 -17.58 -10.65 9.63
N LEU A 88 -18.74 -10.79 8.99
CA LEU A 88 -19.51 -9.63 8.55
C LEU A 88 -20.05 -8.82 9.72
N ASP A 89 -19.77 -9.21 10.96
CA ASP A 89 -20.26 -8.54 12.16
C ASP A 89 -19.19 -7.75 12.88
N GLN A 90 -17.93 -7.88 12.50
CA GLN A 90 -16.82 -7.23 13.17
C GLN A 90 -16.28 -6.09 12.31
N ASP A 91 -15.69 -5.10 12.96
CA ASP A 91 -14.99 -4.01 12.29
C ASP A 91 -13.53 -4.40 12.12
N TYR A 92 -12.99 -4.17 10.93
CA TYR A 92 -11.60 -4.47 10.64
C TYR A 92 -10.90 -3.23 10.11
N ARG A 93 -9.59 -3.18 10.34
CA ARG A 93 -8.74 -2.16 9.73
C ARG A 93 -7.69 -2.89 8.91
N VAL A 94 -7.64 -2.60 7.62
CA VAL A 94 -6.72 -3.25 6.69
C VAL A 94 -5.75 -2.18 6.22
N THR A 95 -4.46 -2.40 6.47
CA THR A 95 -3.44 -1.45 6.08
C THR A 95 -2.61 -2.06 4.96
N CYS A 96 -2.46 -1.31 3.87
CA CYS A 96 -1.60 -1.70 2.77
C CYS A 96 -0.43 -0.74 2.71
N PHE A 97 0.78 -1.29 2.70
CA PHE A 97 1.99 -0.53 2.46
C PHE A 97 2.37 -0.79 1.01
N THR A 98 2.14 0.19 0.14
CA THR A 98 2.36 0.03 -1.29
C THR A 98 3.59 0.78 -1.74
N SER A 99 4.37 0.18 -2.66
CA SER A 99 5.53 0.89 -3.17
C SER A 99 5.13 1.99 -4.16
N TRP A 100 4.11 1.72 -4.99
CA TRP A 100 3.45 2.72 -5.83
C TRP A 100 2.02 2.91 -5.34
N SER A 101 1.53 4.16 -5.29
CA SER A 101 0.12 4.38 -4.93
C SER A 101 -0.80 3.90 -6.06
N PRO A 102 -2.09 3.69 -5.76
CA PRO A 102 -3.00 3.10 -6.77
C PRO A 102 -3.18 3.99 -8.00
N CYS A 103 -3.21 3.35 -9.17
CA CYS A 103 -3.61 4.01 -10.39
C CYS A 103 -5.09 4.36 -10.30
N PHE A 104 -5.56 5.17 -11.26
CA PHE A 104 -6.95 5.60 -11.24
C PHE A 104 -7.91 4.42 -11.20
N SER A 105 -7.68 3.43 -12.07
CA SER A 105 -8.65 2.34 -12.18
C SER A 105 -8.68 1.50 -10.92
N CYS A 106 -7.52 1.25 -10.31
CA CYS A 106 -7.48 0.47 -9.08
C CYS A 106 -7.94 1.30 -7.88
N ALA A 107 -7.76 2.62 -7.91
CA ALA A 107 -8.38 3.45 -6.90
C ALA A 107 -9.89 3.33 -6.93
N GLN A 108 -10.48 3.30 -8.14
CA GLN A 108 -11.92 3.16 -8.26
C GLN A 108 -12.38 1.80 -7.76
N GLU A 109 -11.59 0.76 -8.00
CA GLU A 109 -11.99 -0.57 -7.56
C GLU A 109 -11.88 -0.71 -6.05
N MET A 110 -10.84 -0.11 -5.46
CA MET A 110 -10.75 -0.08 -4.01
C MET A 110 -11.89 0.74 -3.42
N ALA A 111 -12.26 1.85 -4.07
CA ALA A 111 -13.33 2.67 -3.56
C ALA A 111 -14.65 1.93 -3.60
N LYS A 112 -14.88 1.16 -4.69
CA LYS A 112 -16.07 0.32 -4.74
C LYS A 112 -16.08 -0.69 -3.60
N PHE A 113 -14.93 -1.31 -3.33
CA PHE A 113 -14.87 -2.35 -2.31
C PHE A 113 -15.23 -1.79 -0.93
N ILE A 114 -14.64 -0.66 -0.55
CA ILE A 114 -14.95 -0.13 0.78
C ILE A 114 -16.35 0.46 0.83
N SER A 115 -16.90 0.89 -0.32
CA SER A 115 -18.31 1.27 -0.35
C SER A 115 -19.21 0.08 -0.06
N LYS A 116 -18.82 -1.10 -0.54
CA LYS A 116 -19.61 -2.31 -0.40
C LYS A 116 -19.37 -3.02 0.93
N ASN A 117 -18.25 -2.75 1.61
CA ASN A 117 -17.87 -3.43 2.85
C ASN A 117 -17.61 -2.38 3.92
N LYS A 118 -18.69 -1.84 4.50
CA LYS A 118 -18.58 -0.73 5.43
C LYS A 118 -17.88 -1.14 6.74
N HIS A 119 -17.80 -2.43 7.03
CA HIS A 119 -17.10 -2.86 8.24
C HIS A 119 -15.59 -2.92 8.06
N VAL A 120 -15.06 -2.42 6.95
CA VAL A 120 -13.62 -2.43 6.70
C VAL A 120 -13.14 -0.99 6.55
N SER A 121 -12.16 -0.60 7.37
CA SER A 121 -11.48 0.67 7.25
C SER A 121 -10.15 0.40 6.55
N LEU A 122 -9.95 1.01 5.38
CA LEU A 122 -8.76 0.78 4.58
C LEU A 122 -7.80 1.93 4.78
N CYS A 123 -6.54 1.61 5.08
CA CYS A 123 -5.47 2.59 5.15
C CYS A 123 -4.44 2.22 4.10
N ILE A 124 -4.09 3.19 3.26
CA ILE A 124 -3.10 3.03 2.20
C ILE A 124 -1.92 3.89 2.60
N LYS A 125 -0.75 3.27 2.78
CA LYS A 125 0.46 4.01 3.09
C LYS A 125 1.45 3.71 1.97
N THR A 126 1.85 4.73 1.23
CA THR A 126 2.58 4.54 0.00
C THR A 126 3.98 5.12 0.06
N ALA A 127 4.94 4.41 -0.54
CA ALA A 127 6.31 4.89 -0.62
C ALA A 127 6.41 6.06 -1.59
N ARG A 128 5.82 5.91 -2.78
CA ARG A 128 5.84 6.90 -3.84
C ARG A 128 4.43 7.12 -4.39
N ILE A 129 4.26 8.28 -5.03
CA ILE A 129 3.00 8.62 -5.68
C ILE A 129 3.09 8.24 -7.15
N TYR A 130 2.20 7.35 -7.59
CA TYR A 130 2.10 6.91 -8.97
C TYR A 130 1.24 7.91 -9.74
N ASP A 131 1.78 8.50 -10.81
CA ASP A 131 1.05 9.59 -11.47
C ASP A 131 -0.06 9.08 -12.37
N ASP A 132 0.12 7.92 -12.98
CA ASP A 132 -0.85 7.35 -13.93
C ASP A 132 -1.19 8.35 -15.03
N LYS A 133 -0.15 9.00 -15.57
CA LYS A 133 -0.29 9.90 -16.72
C LYS A 133 -1.32 11.00 -16.45
N GLY A 134 -1.25 11.59 -15.26
CA GLY A 134 -2.11 12.68 -14.87
C GLY A 134 -3.45 12.28 -14.30
N ARG A 135 -3.76 10.98 -14.28
CA ARG A 135 -5.07 10.52 -13.86
C ARG A 135 -5.15 10.11 -12.40
N ALA A 136 -4.03 9.83 -11.74
CA ALA A 136 -4.12 9.26 -10.40
C ALA A 136 -4.70 10.24 -9.40
N ALA A 137 -4.37 11.52 -9.53
CA ALA A 137 -4.77 12.50 -8.52
C ALA A 137 -6.27 12.45 -8.27
N GLU A 138 -7.08 12.49 -9.33
CA GLU A 138 -8.53 12.37 -9.15
C GLU A 138 -8.93 11.00 -8.58
N GLY A 139 -8.19 9.95 -8.93
CA GLY A 139 -8.47 8.65 -8.34
C GLY A 139 -8.26 8.63 -6.83
N LEU A 140 -7.20 9.26 -6.36
CA LEU A 140 -6.93 9.25 -4.92
C LEU A 140 -7.97 10.05 -4.16
N ARG A 141 -8.36 11.22 -4.69
CA ARG A 141 -9.46 11.98 -4.09
C ARG A 141 -10.71 11.14 -4.01
N THR A 142 -11.03 10.41 -5.08
CA THR A 142 -12.21 9.57 -5.08
C THR A 142 -12.11 8.46 -4.03
N LEU A 143 -10.91 7.89 -3.86
CA LEU A 143 -10.71 6.86 -2.85
C LEU A 143 -10.82 7.44 -1.44
N ALA A 144 -10.27 8.63 -1.23
CA ALA A 144 -10.41 9.28 0.07
C ALA A 144 -11.87 9.60 0.37
N GLU A 145 -12.60 10.10 -0.64
CA GLU A 145 -14.01 10.40 -0.47
C GLU A 145 -14.77 9.17 -0.01
N ALA A 146 -14.43 8.00 -0.56
CA ALA A 146 -15.05 6.75 -0.16
C ALA A 146 -14.66 6.29 1.24
N GLY A 147 -13.71 6.96 1.89
CA GLY A 147 -13.39 6.70 3.29
C GLY A 147 -12.00 6.13 3.55
N ALA A 148 -11.25 5.79 2.52
CA ALA A 148 -9.89 5.30 2.75
C ALA A 148 -9.02 6.40 3.34
N LYS A 149 -8.07 5.99 4.17
CA LYS A 149 -7.10 6.89 4.76
C LYS A 149 -5.79 6.69 3.99
N ILE A 150 -5.39 7.70 3.21
CA ILE A 150 -4.23 7.61 2.31
C ILE A 150 -3.14 8.51 2.86
N SER A 151 -1.92 7.96 3.02
CA SER A 151 -0.81 8.73 3.56
C SER A 151 0.49 8.25 2.93
N ILE A 152 1.53 9.05 3.11
CA ILE A 152 2.87 8.74 2.63
C ILE A 152 3.62 7.99 3.73
N MET A 153 4.27 6.88 3.36
CA MET A 153 5.06 6.13 4.34
C MET A 153 6.16 7.01 4.92
N THR A 154 6.38 6.85 6.22
CA THR A 154 7.43 7.53 6.99
C THR A 154 8.48 6.52 7.45
N TYR A 155 9.55 7.06 8.04
CA TYR A 155 10.66 6.25 8.54
C TYR A 155 10.18 5.06 9.36
N SER A 156 9.33 5.29 10.36
CA SER A 156 8.94 4.19 11.24
C SER A 156 8.13 3.13 10.48
N GLU A 157 7.43 3.52 9.41
CA GLU A 157 6.65 2.56 8.64
C GLU A 157 7.54 1.74 7.71
N PHE A 158 8.54 2.37 7.10
CA PHE A 158 9.55 1.60 6.39
C PHE A 158 10.22 0.62 7.32
N LYS A 159 10.57 1.06 8.54
CA LYS A 159 11.25 0.17 9.47
C LYS A 159 10.35 -0.98 9.90
N HIS A 160 9.08 -0.68 10.14
CA HIS A 160 8.12 -1.72 10.45
C HIS A 160 8.05 -2.76 9.34
N CYS A 161 8.04 -2.32 8.08
CA CYS A 161 7.95 -3.29 6.99
C CYS A 161 9.23 -4.10 6.87
N TRP A 162 10.37 -3.43 7.01
CA TRP A 162 11.63 -4.17 7.07
C TRP A 162 11.59 -5.21 8.19
N ASP A 163 11.28 -4.78 9.41
CA ASP A 163 11.35 -5.71 10.54
C ASP A 163 10.37 -6.87 10.41
N THR A 164 9.21 -6.65 9.81
CA THR A 164 8.14 -7.65 9.90
C THR A 164 7.74 -8.29 8.57
N PHE A 165 8.16 -7.76 7.42
CA PHE A 165 7.86 -8.42 6.16
C PHE A 165 9.09 -8.91 5.38
N VAL A 166 10.29 -8.50 5.77
CA VAL A 166 11.49 -8.72 4.95
C VAL A 166 12.32 -9.83 5.56
N ASP A 167 12.96 -10.62 4.70
CA ASP A 167 13.83 -11.73 5.12
C ASP A 167 15.22 -11.20 5.49
N HIS A 168 15.27 -10.43 6.60
CA HIS A 168 16.47 -9.66 6.91
C HIS A 168 17.55 -10.48 7.57
N GLN A 169 17.23 -11.68 8.09
CA GLN A 169 18.20 -12.57 8.70
C GLN A 169 18.99 -11.87 9.81
N GLY A 170 18.31 -11.00 10.54
CA GLY A 170 18.90 -10.30 11.66
C GLY A 170 19.47 -8.92 11.35
N ALA A 171 19.55 -8.56 10.08
CA ALA A 171 20.10 -7.26 9.72
C ALA A 171 19.10 -6.17 10.09
N PRO A 172 19.53 -5.08 10.75
CA PRO A 172 18.60 -4.01 11.08
C PRO A 172 18.26 -3.16 9.86
N PHE A 173 17.17 -2.40 10.00
CA PHE A 173 16.78 -1.49 8.94
C PHE A 173 17.84 -0.40 8.78
N GLN A 174 18.25 -0.19 7.54
CA GLN A 174 19.21 0.86 7.20
C GLN A 174 18.53 1.90 6.33
N PRO A 175 18.21 3.10 6.84
CA PRO A 175 17.51 4.07 5.99
C PRO A 175 18.39 4.52 4.83
N TRP A 176 17.77 4.71 3.67
CA TRP A 176 18.49 5.27 2.54
C TRP A 176 18.58 6.79 2.66
N ASP A 177 19.53 7.35 1.90
CA ASP A 177 19.76 8.79 1.90
C ASP A 177 18.49 9.55 1.56
N GLY A 178 18.15 10.53 2.38
CA GLY A 178 17.05 11.44 2.08
C GLY A 178 15.67 10.95 2.44
N LEU A 179 15.57 9.80 3.13
CA LEU A 179 14.26 9.20 3.37
C LEU A 179 13.25 10.20 3.94
N ASP A 180 13.61 10.86 5.03
CA ASP A 180 12.67 11.75 5.71
C ASP A 180 12.29 12.92 4.82
N GLU A 181 13.29 13.52 4.17
CA GLU A 181 13.02 14.67 3.33
C GLU A 181 12.11 14.28 2.16
N HIS A 182 12.34 13.09 1.57
CA HIS A 182 11.45 12.58 0.53
C HIS A 182 10.04 12.36 1.06
N SER A 183 9.94 11.74 2.23
CA SER A 183 8.62 11.51 2.83
CA SER A 183 8.62 11.52 2.81
C SER A 183 7.87 12.83 3.00
N GLN A 184 8.56 13.84 3.49
CA GLN A 184 7.90 15.11 3.76
C GLN A 184 7.51 15.82 2.46
N ASP A 185 8.37 15.75 1.45
CA ASP A 185 8.05 16.35 0.17
C ASP A 185 6.85 15.68 -0.48
N LEU A 186 6.80 14.34 -0.42
CA LEU A 186 5.66 13.62 -0.95
C LEU A 186 4.39 13.92 -0.16
N SER A 187 4.52 14.10 1.15
CA SER A 187 3.35 14.40 1.97
CA SER A 187 3.35 14.40 1.98
C SER A 187 2.72 15.73 1.58
N GLY A 188 3.54 16.72 1.24
CA GLY A 188 3.01 17.98 0.77
C GLY A 188 2.27 17.82 -0.55
N ARG A 189 2.83 17.01 -1.47
CA ARG A 189 2.18 16.79 -2.74
C ARG A 189 0.89 16.01 -2.57
N LEU A 190 0.90 15.01 -1.68
CA LEU A 190 -0.33 14.26 -1.40
C LEU A 190 -1.40 15.16 -0.81
N ARG A 191 -1.02 16.02 0.13
CA ARG A 191 -2.01 16.96 0.66
C ARG A 191 -2.59 17.83 -0.45
N ALA A 192 -1.72 18.36 -1.32
CA ALA A 192 -2.21 19.17 -2.43
C ALA A 192 -3.16 18.37 -3.32
N ILE A 193 -2.82 17.10 -3.59
CA ILE A 193 -3.72 16.24 -4.37
C ILE A 193 -5.05 16.08 -3.67
N LEU A 194 -5.01 15.77 -2.37
CA LEU A 194 -6.24 15.46 -1.65
C LEU A 194 -7.09 16.70 -1.39
N GLN A 195 -6.48 17.88 -1.40
CA GLN A 195 -7.18 19.15 -1.29
C GLN A 195 -7.59 19.72 -2.65
N ASN A 196 -7.41 18.96 -3.72
CA ASN A 196 -7.75 19.36 -5.09
C ASN A 196 -6.93 20.56 -5.58
N GLN A 197 -5.77 20.81 -4.98
CA GLN A 197 -4.89 21.85 -5.51
C GLN A 197 -4.07 21.36 -6.69
N GLU A 198 -3.71 20.07 -6.71
CA GLU A 198 -3.10 19.49 -7.91
C GLU A 198 -4.19 18.85 -8.76
ZN ZN C . -3.99 -0.22 -11.01
C1 GOL D . 15.88 -6.07 -6.78
O1 GOL D . 14.60 -5.99 -7.33
C2 GOL D . 16.68 -4.87 -7.32
O2 GOL D . 16.58 -4.75 -8.71
C3 GOL D . 18.13 -5.10 -6.84
O3 GOL D . 18.79 -3.89 -7.09
#